data_2O7S
#
_entry.id   2O7S
#
_cell.length_a   97.447
_cell.length_b   97.447
_cell.length_c   116.430
_cell.angle_alpha   90.00
_cell.angle_beta   90.00
_cell.angle_gamma   120.00
#
_symmetry.space_group_name_H-M   'P 32 2 1'
#
loop_
_entity.id
_entity.type
_entity.pdbx_description
1 polymer 'Bifunctional 3-dehydroquinate dehydratase/shikimate dehydrogenase'
2 non-polymer 'SULFATE ION'
3 non-polymer 3-DEHYDROSHIKIMATE
4 non-polymer 'L(+)-TARTARIC ACID'
5 non-polymer 'NADP NICOTINAMIDE-ADENINE-DINUCLEOTIDE PHOSPHATE'
6 water water
#
_entity_poly.entity_id   1
_entity_poly.type   'polypeptide(L)'
_entity_poly.pdbx_seq_one_letter_code
;VKNPSLICAPVMADSIDKMVIETSKAHELGADLVEIRLDWLKDFNPLEDLKTIIKKSPLPTLFTYRPKWEGGQYEGDENE
RRDVLRLAMELGADYIDVELQVASEFIKSIDGKKPGKFKVIVSSHNYQNTPSVEDLDGLVARIQQTGADIVKIATTAVDI
ADVARMFHITSKAQVPTIGLVMGERGLMSRILCSKFGGYLTFGTLDSSKVSAPGQPTIKDLLDLYNFRRIGPDTKVYGII
GKPVSHSKSPIVHNQAFKSVDFNGVYVHLLVDNLVSFLQAYSSSDFAGFSCTIPHKEAALQ(CSO)CDEVDPLAKSIGAV
NTILRRKSDGKLLGYNTD(CSO)IGSISAIEDGLRSSGDPSSVPSSSSPLASKTVVVIGAGGAGKALAYGAKEKGAKVVI
ANRTYERALELAEAIGGKALSLTDLDNYHPEDGMVLANTTSMGMQPNVEETPISKDALKHYALVFDAVYTPRITRLLREA
EESGAITVSGSEMFVRQAYEQFEIFTGLPAPKELYWQIMSKYGSRENLYFQ
;
_entity_poly.pdbx_strand_id   A
#
# COMPACT_ATOMS: atom_id res chain seq x y z
N VAL A 1 -3.26 -21.98 3.47
CA VAL A 1 -3.59 -23.37 3.02
C VAL A 1 -2.73 -23.77 1.82
N LYS A 2 -1.92 -24.81 2.00
CA LYS A 2 -1.06 -25.34 0.94
C LYS A 2 -0.04 -24.37 0.32
N ASN A 3 0.15 -24.51 -0.99
CA ASN A 3 1.12 -23.73 -1.76
C ASN A 3 1.09 -22.21 -1.67
N PRO A 4 2.23 -21.57 -1.97
CA PRO A 4 2.28 -20.12 -1.91
C PRO A 4 1.26 -19.62 -2.93
N SER A 5 0.85 -18.37 -2.79
CA SER A 5 -0.13 -17.78 -3.68
C SER A 5 0.38 -17.52 -5.09
N LEU A 6 -0.47 -17.81 -6.07
CA LEU A 6 -0.15 -17.57 -7.48
C LEU A 6 -0.47 -16.11 -7.81
N ILE A 7 0.07 -15.63 -8.92
CA ILE A 7 -0.21 -14.26 -9.35
C ILE A 7 -0.92 -14.35 -10.69
N CYS A 8 -2.16 -13.87 -10.72
CA CYS A 8 -2.98 -13.91 -11.92
C CYS A 8 -3.19 -12.53 -12.51
N ALA A 9 -3.01 -12.42 -13.82
CA ALA A 9 -3.16 -11.15 -14.53
C ALA A 9 -4.51 -11.04 -15.24
N PRO A 10 -5.32 -10.03 -14.90
CA PRO A 10 -6.61 -9.87 -15.56
C PRO A 10 -6.39 -9.42 -17.02
N VAL A 11 -7.07 -10.06 -17.96
CA VAL A 11 -6.97 -9.71 -19.38
C VAL A 11 -8.32 -9.19 -19.85
N MET A 12 -8.38 -7.88 -20.14
CA MET A 12 -9.63 -7.23 -20.54
C MET A 12 -9.65 -6.48 -21.88
N ALA A 13 -8.65 -6.67 -22.72
CA ALA A 13 -8.63 -5.99 -24.02
C ALA A 13 -9.94 -6.29 -24.76
N ASP A 14 -10.42 -5.35 -25.58
CA ASP A 14 -11.70 -5.54 -26.28
C ASP A 14 -11.68 -6.35 -27.58
N SER A 15 -10.54 -6.91 -27.93
CA SER A 15 -10.46 -7.73 -29.13
C SER A 15 -9.60 -8.94 -28.83
N ILE A 16 -9.82 -10.01 -29.58
CA ILE A 16 -9.08 -11.24 -29.39
C ILE A 16 -7.57 -11.06 -29.63
N ASP A 17 -7.22 -10.37 -30.71
CA ASP A 17 -5.81 -10.15 -31.04
C ASP A 17 -5.09 -9.40 -29.92
N LYS A 18 -5.76 -8.42 -29.33
CA LYS A 18 -5.18 -7.64 -28.25
C LYS A 18 -5.05 -8.49 -26.98
N MET A 19 -5.98 -9.40 -26.75
CA MET A 19 -5.90 -10.26 -25.57
C MET A 19 -4.71 -11.20 -25.71
N VAL A 20 -4.45 -11.67 -26.93
CA VAL A 20 -3.33 -12.57 -27.16
C VAL A 20 -2.03 -11.85 -26.79
N ILE A 21 -1.92 -10.59 -27.19
CA ILE A 21 -0.74 -9.80 -26.89
C ILE A 21 -0.63 -9.58 -25.38
N GLU A 22 -1.77 -9.43 -24.71
CA GLU A 22 -1.74 -9.22 -23.26
C GLU A 22 -1.28 -10.47 -22.52
N THR A 23 -1.68 -11.65 -22.99
CA THR A 23 -1.24 -12.87 -22.31
C THR A 23 0.27 -13.00 -22.42
N SER A 24 0.84 -12.55 -23.54
CA SER A 24 2.29 -12.61 -23.74
C SER A 24 2.98 -11.70 -22.74
N LYS A 25 2.44 -10.49 -22.59
CA LYS A 25 3.00 -9.49 -21.68
C LYS A 25 2.90 -10.00 -20.24
N ALA A 26 1.83 -10.72 -19.94
CA ALA A 26 1.65 -11.25 -18.60
C ALA A 26 2.80 -12.21 -18.31
N HIS A 27 3.17 -13.00 -19.32
CA HIS A 27 4.26 -13.95 -19.18
C HIS A 27 5.58 -13.22 -18.96
N GLU A 28 5.84 -12.22 -19.80
CA GLU A 28 7.06 -11.42 -19.71
C GLU A 28 7.23 -10.81 -18.33
N LEU A 29 6.12 -10.31 -17.77
CA LEU A 29 6.12 -9.67 -16.46
C LEU A 29 6.31 -10.60 -15.26
N GLY A 30 5.99 -11.88 -15.43
CA GLY A 30 6.18 -12.81 -14.33
C GLY A 30 4.92 -13.40 -13.73
N ALA A 31 3.76 -13.15 -14.34
CA ALA A 31 2.51 -13.69 -13.82
C ALA A 31 2.49 -15.22 -13.96
N ASP A 32 1.72 -15.89 -13.09
CA ASP A 32 1.62 -17.35 -13.13
C ASP A 32 0.48 -17.85 -14.02
N LEU A 33 -0.55 -17.03 -14.18
CA LEU A 33 -1.70 -17.35 -15.01
C LEU A 33 -2.41 -16.07 -15.44
N VAL A 34 -3.42 -16.21 -16.29
CA VAL A 34 -4.17 -15.05 -16.74
C VAL A 34 -5.67 -15.33 -16.64
N GLU A 35 -6.43 -14.29 -16.31
CA GLU A 35 -7.88 -14.42 -16.25
C GLU A 35 -8.42 -13.73 -17.48
N ILE A 36 -9.03 -14.50 -18.37
CA ILE A 36 -9.59 -13.94 -19.60
C ILE A 36 -11.01 -13.44 -19.29
N ARG A 37 -11.20 -12.13 -19.29
CA ARG A 37 -12.52 -11.57 -19.02
C ARG A 37 -13.28 -11.47 -20.33
N LEU A 38 -13.93 -12.58 -20.69
CA LEU A 38 -14.69 -12.67 -21.93
C LEU A 38 -15.78 -11.61 -22.07
N ASP A 39 -16.33 -11.16 -20.95
CA ASP A 39 -17.40 -10.16 -21.01
C ASP A 39 -16.92 -8.78 -21.50
N TRP A 40 -15.61 -8.59 -21.60
CA TRP A 40 -15.08 -7.32 -22.07
C TRP A 40 -14.79 -7.30 -23.58
N LEU A 41 -14.93 -8.44 -24.23
CA LEU A 41 -14.70 -8.53 -25.68
C LEU A 41 -15.82 -7.84 -26.45
N LYS A 42 -15.46 -6.92 -27.34
CA LYS A 42 -16.46 -6.21 -28.13
C LYS A 42 -17.15 -7.22 -29.04
N ASP A 43 -16.39 -7.80 -29.97
CA ASP A 43 -16.93 -8.82 -30.86
C ASP A 43 -16.39 -10.14 -30.35
N PHE A 44 -17.25 -11.15 -30.31
CA PHE A 44 -16.84 -12.44 -29.77
C PHE A 44 -17.46 -13.61 -30.52
N ASN A 45 -16.61 -14.42 -31.15
CA ASN A 45 -17.04 -15.61 -31.86
C ASN A 45 -16.48 -16.73 -31.00
N PRO A 46 -17.26 -17.17 -29.99
CA PRO A 46 -16.90 -18.22 -29.03
C PRO A 46 -15.97 -19.35 -29.45
N LEU A 47 -16.43 -20.20 -30.37
CA LEU A 47 -15.60 -21.32 -30.80
C LEU A 47 -14.24 -20.89 -31.35
N GLU A 48 -14.26 -20.00 -32.34
CA GLU A 48 -13.02 -19.52 -32.96
C GLU A 48 -12.09 -18.81 -31.98
N ASP A 49 -12.62 -17.80 -31.30
CA ASP A 49 -11.81 -17.03 -30.36
C ASP A 49 -11.25 -17.81 -29.17
N LEU A 50 -12.07 -18.65 -28.55
CA LEU A 50 -11.59 -19.44 -27.42
C LEU A 50 -10.46 -20.35 -27.86
N LYS A 51 -10.60 -20.89 -29.07
CA LYS A 51 -9.60 -21.80 -29.63
C LYS A 51 -8.27 -21.06 -29.75
N THR A 52 -8.33 -19.83 -30.24
CA THR A 52 -7.14 -19.01 -30.43
C THR A 52 -6.43 -18.70 -29.11
N ILE A 53 -7.15 -18.17 -28.14
CA ILE A 53 -6.54 -17.83 -26.85
C ILE A 53 -5.83 -19.00 -26.20
N ILE A 54 -6.51 -20.15 -26.13
CA ILE A 54 -5.95 -21.34 -25.52
C ILE A 54 -4.69 -21.79 -26.26
N LYS A 55 -4.73 -21.73 -27.58
CA LYS A 55 -3.59 -22.13 -28.39
C LYS A 55 -2.38 -21.22 -28.25
N LYS A 56 -2.62 -19.91 -28.30
CA LYS A 56 -1.53 -18.93 -28.25
C LYS A 56 -1.05 -18.47 -26.87
N SER A 57 -1.83 -18.70 -25.83
CA SER A 57 -1.43 -18.27 -24.49
C SER A 57 -0.25 -19.03 -23.90
N PRO A 58 0.81 -18.31 -23.51
CA PRO A 58 2.00 -18.93 -22.92
C PRO A 58 1.80 -19.31 -21.45
N LEU A 59 0.67 -18.93 -20.87
CA LEU A 59 0.37 -19.21 -19.48
C LEU A 59 -0.96 -19.95 -19.27
N PRO A 60 -1.11 -20.64 -18.13
CA PRO A 60 -2.35 -21.37 -17.82
C PRO A 60 -3.50 -20.36 -17.92
N THR A 61 -4.67 -20.83 -18.37
CA THR A 61 -5.81 -19.93 -18.53
C THR A 61 -7.00 -20.14 -17.60
N LEU A 62 -7.61 -19.03 -17.23
CA LEU A 62 -8.78 -19.01 -16.36
C LEU A 62 -9.80 -18.16 -17.12
N PHE A 63 -10.93 -18.74 -17.48
CA PHE A 63 -11.95 -18.00 -18.20
C PHE A 63 -13.10 -17.55 -17.31
N THR A 64 -13.47 -16.28 -17.46
CA THR A 64 -14.57 -15.66 -16.73
C THR A 64 -15.48 -14.94 -17.74
N TYR A 65 -16.79 -15.11 -17.60
CA TYR A 65 -17.74 -14.45 -18.50
C TYR A 65 -18.73 -13.79 -17.56
N ARG A 66 -18.24 -12.78 -16.83
CA ARG A 66 -19.04 -12.07 -15.83
C ARG A 66 -20.24 -11.27 -16.33
N PRO A 67 -21.44 -11.58 -15.79
CA PRO A 67 -22.70 -10.91 -16.13
C PRO A 67 -22.90 -9.60 -15.37
N LYS A 68 -23.73 -8.73 -15.91
CA LYS A 68 -24.03 -7.44 -15.29
C LYS A 68 -24.55 -7.59 -13.86
N TRP A 69 -25.30 -8.66 -13.57
CA TRP A 69 -25.84 -8.82 -12.22
C TRP A 69 -24.80 -9.18 -11.16
N GLU A 70 -23.55 -9.40 -11.58
CA GLU A 70 -22.48 -9.73 -10.66
C GLU A 70 -21.31 -8.76 -10.87
N GLY A 71 -21.63 -7.55 -11.34
CA GLY A 71 -20.61 -6.54 -11.56
C GLY A 71 -19.85 -6.64 -12.87
N GLY A 72 -20.26 -7.56 -13.74
CA GLY A 72 -19.58 -7.73 -15.02
C GLY A 72 -20.18 -6.92 -16.16
N GLN A 73 -19.74 -7.22 -17.38
CA GLN A 73 -20.24 -6.51 -18.55
C GLN A 73 -21.21 -7.29 -19.42
N TYR A 74 -21.31 -8.60 -19.23
CA TYR A 74 -22.21 -9.41 -20.08
C TYR A 74 -23.70 -9.18 -19.86
N GLU A 75 -24.42 -9.13 -20.97
CA GLU A 75 -25.87 -8.95 -20.98
C GLU A 75 -26.43 -9.92 -22.01
N GLY A 76 -27.60 -10.49 -21.73
CA GLY A 76 -28.18 -11.42 -22.68
C GLY A 76 -28.57 -12.76 -22.09
N ASP A 77 -28.78 -13.74 -22.96
CA ASP A 77 -29.18 -15.08 -22.54
C ASP A 77 -28.19 -15.74 -21.57
N GLU A 78 -28.73 -16.31 -20.50
CA GLU A 78 -27.91 -16.98 -19.49
C GLU A 78 -27.39 -18.33 -19.98
N ASN A 79 -28.22 -19.09 -20.68
CA ASN A 79 -27.79 -20.38 -21.18
C ASN A 79 -26.63 -20.23 -22.17
N GLU A 80 -26.66 -19.20 -23.00
CA GLU A 80 -25.59 -18.97 -23.96
C GLU A 80 -24.29 -18.68 -23.22
N ARG A 81 -24.39 -17.85 -22.18
CA ARG A 81 -23.23 -17.49 -21.38
C ARG A 81 -22.60 -18.75 -20.80
N ARG A 82 -23.43 -19.65 -20.26
CA ARG A 82 -22.92 -20.89 -19.68
C ARG A 82 -22.32 -21.81 -20.73
N ASP A 83 -22.92 -21.83 -21.94
CA ASP A 83 -22.39 -22.69 -23.00
C ASP A 83 -20.96 -22.28 -23.32
N VAL A 84 -20.68 -20.99 -23.25
CA VAL A 84 -19.33 -20.50 -23.52
C VAL A 84 -18.33 -21.04 -22.50
N LEU A 85 -18.69 -20.99 -21.22
CA LEU A 85 -17.80 -21.49 -20.18
C LEU A 85 -17.58 -23.00 -20.32
N ARG A 86 -18.63 -23.75 -20.65
CA ARG A 86 -18.46 -25.18 -20.83
C ARG A 86 -17.54 -25.42 -22.04
N LEU A 87 -17.72 -24.61 -23.07
CA LEU A 87 -16.92 -24.71 -24.29
C LEU A 87 -15.44 -24.48 -23.94
N ALA A 88 -15.18 -23.53 -23.05
CA ALA A 88 -13.82 -23.23 -22.64
C ALA A 88 -13.19 -24.46 -21.98
N MET A 89 -13.97 -25.11 -21.12
CA MET A 89 -13.51 -26.32 -20.43
C MET A 89 -13.14 -27.40 -21.44
N GLU A 90 -14.04 -27.63 -22.40
CA GLU A 90 -13.82 -28.65 -23.42
C GLU A 90 -12.56 -28.40 -24.25
N LEU A 91 -12.29 -27.13 -24.55
CA LEU A 91 -11.13 -26.80 -25.35
C LEU A 91 -9.78 -26.80 -24.65
N GLY A 92 -9.78 -26.99 -23.33
CA GLY A 92 -8.51 -27.04 -22.61
C GLY A 92 -8.23 -25.99 -21.55
N ALA A 93 -9.23 -25.21 -21.17
CA ALA A 93 -9.02 -24.20 -20.13
C ALA A 93 -8.51 -24.86 -18.85
N ASP A 94 -7.66 -24.16 -18.12
CA ASP A 94 -7.15 -24.69 -16.87
C ASP A 94 -8.14 -24.43 -15.73
N TYR A 95 -8.95 -23.38 -15.89
CA TYR A 95 -9.98 -23.03 -14.91
C TYR A 95 -11.07 -22.20 -15.57
N ILE A 96 -12.20 -22.11 -14.87
CA ILE A 96 -13.31 -21.25 -15.27
C ILE A 96 -13.84 -20.75 -13.93
N ASP A 97 -14.33 -19.52 -13.91
CA ASP A 97 -14.87 -18.93 -12.70
C ASP A 97 -16.37 -18.83 -12.94
N VAL A 98 -17.16 -19.49 -12.10
CA VAL A 98 -18.61 -19.44 -12.22
C VAL A 98 -19.23 -18.83 -10.96
N GLU A 99 -20.22 -17.97 -11.15
CA GLU A 99 -20.89 -17.28 -10.05
C GLU A 99 -21.66 -18.20 -9.11
N LEU A 100 -21.48 -17.97 -7.82
CA LEU A 100 -22.15 -18.77 -6.78
C LEU A 100 -23.65 -18.94 -7.05
N GLN A 101 -24.32 -17.87 -7.45
CA GLN A 101 -25.76 -17.93 -7.69
C GLN A 101 -26.21 -19.06 -8.61
N VAL A 102 -25.39 -19.38 -9.60
CA VAL A 102 -25.75 -20.44 -10.55
C VAL A 102 -24.75 -21.60 -10.57
N ALA A 103 -23.84 -21.64 -9.60
CA ALA A 103 -22.82 -22.67 -9.55
C ALA A 103 -23.35 -24.10 -9.41
N SER A 104 -24.40 -24.28 -8.62
CA SER A 104 -24.97 -25.62 -8.45
C SER A 104 -25.43 -26.17 -9.79
N GLU A 105 -26.26 -25.40 -10.49
CA GLU A 105 -26.78 -25.79 -11.80
C GLU A 105 -25.64 -26.04 -12.77
N PHE A 106 -24.64 -25.17 -12.75
CA PHE A 106 -23.53 -25.31 -13.66
C PHE A 106 -22.71 -26.57 -13.44
N ILE A 107 -22.25 -26.77 -12.21
CA ILE A 107 -21.44 -27.93 -11.89
C ILE A 107 -22.19 -29.23 -12.19
N LYS A 108 -23.52 -29.22 -12.05
CA LYS A 108 -24.31 -30.40 -12.35
C LYS A 108 -24.24 -30.70 -13.85
N SER A 109 -24.32 -29.66 -14.67
CA SER A 109 -24.28 -29.82 -16.12
C SER A 109 -22.99 -30.43 -16.67
N ILE A 110 -21.90 -30.38 -15.90
CA ILE A 110 -20.63 -30.94 -16.36
C ILE A 110 -20.21 -32.18 -15.58
N ASP A 111 -21.14 -32.73 -14.81
CA ASP A 111 -20.88 -33.92 -13.99
C ASP A 111 -20.31 -35.06 -14.84
N GLY A 112 -19.13 -35.53 -14.46
CA GLY A 112 -18.49 -36.62 -15.19
C GLY A 112 -17.99 -36.22 -16.56
N LYS A 113 -17.79 -34.93 -16.77
CA LYS A 113 -17.31 -34.42 -18.06
C LYS A 113 -16.10 -33.52 -17.89
N LYS A 114 -15.62 -33.38 -16.65
CA LYS A 114 -14.48 -32.54 -16.33
C LYS A 114 -13.15 -33.15 -16.74
N PRO A 115 -12.36 -32.42 -17.53
CA PRO A 115 -11.04 -32.88 -17.98
C PRO A 115 -10.12 -33.06 -16.78
N GLY A 116 -9.04 -33.82 -16.97
CA GLY A 116 -8.10 -34.07 -15.89
C GLY A 116 -7.48 -32.85 -15.25
N LYS A 117 -6.93 -31.96 -16.08
CA LYS A 117 -6.29 -30.75 -15.58
C LYS A 117 -7.26 -29.59 -15.69
N PHE A 118 -8.35 -29.66 -14.91
CA PHE A 118 -9.36 -28.63 -14.93
C PHE A 118 -9.97 -28.43 -13.55
N LYS A 119 -10.06 -27.17 -13.11
CA LYS A 119 -10.63 -26.85 -11.81
C LYS A 119 -11.69 -25.76 -11.93
N VAL A 120 -12.75 -25.89 -11.14
CA VAL A 120 -13.84 -24.92 -11.16
C VAL A 120 -13.76 -24.00 -9.96
N ILE A 121 -13.65 -22.70 -10.23
CA ILE A 121 -13.62 -21.70 -9.19
C ILE A 121 -15.06 -21.18 -9.07
N VAL A 122 -15.59 -21.13 -7.85
CA VAL A 122 -16.94 -20.59 -7.64
C VAL A 122 -16.77 -19.34 -6.80
N SER A 123 -17.24 -18.22 -7.34
CA SER A 123 -17.06 -16.94 -6.66
C SER A 123 -18.27 -16.19 -6.14
N SER A 124 -17.99 -15.31 -5.18
CA SER A 124 -18.98 -14.43 -4.57
C SER A 124 -18.34 -13.07 -4.39
N HIS A 125 -19.07 -12.01 -4.75
CA HIS A 125 -18.57 -10.65 -4.62
C HIS A 125 -19.49 -9.84 -3.71
N ASN A 126 -18.89 -9.13 -2.76
CA ASN A 126 -19.65 -8.30 -1.85
C ASN A 126 -19.14 -6.88 -2.06
N TYR A 127 -19.95 -6.05 -2.70
CA TYR A 127 -19.55 -4.68 -3.00
C TYR A 127 -19.89 -3.66 -1.92
N GLN A 128 -20.35 -4.14 -0.76
CA GLN A 128 -20.72 -3.24 0.34
C GLN A 128 -19.76 -3.21 1.53
N ASN A 129 -19.41 -4.38 2.06
CA ASN A 129 -18.55 -4.45 3.23
C ASN A 129 -17.89 -5.82 3.33
N THR A 130 -17.37 -6.11 4.51
CA THR A 130 -16.73 -7.38 4.82
C THR A 130 -17.49 -7.94 6.03
N PRO A 131 -18.34 -8.96 5.81
CA PRO A 131 -19.13 -9.57 6.88
C PRO A 131 -18.33 -10.17 8.05
N SER A 132 -19.05 -10.47 9.12
CA SER A 132 -18.45 -11.07 10.31
C SER A 132 -17.89 -12.44 9.96
N VAL A 133 -17.04 -12.97 10.84
CA VAL A 133 -16.47 -14.29 10.61
C VAL A 133 -17.60 -15.32 10.52
N GLU A 134 -18.63 -15.12 11.34
CA GLU A 134 -19.80 -15.99 11.32
C GLU A 134 -20.39 -16.07 9.92
N ASP A 135 -20.64 -14.92 9.31
CA ASP A 135 -21.23 -14.88 7.97
C ASP A 135 -20.27 -15.36 6.88
N LEU A 136 -18.98 -15.08 7.02
CA LEU A 136 -18.00 -15.53 6.04
C LEU A 136 -17.92 -17.05 6.04
N ASP A 137 -17.98 -17.66 7.23
CA ASP A 137 -17.93 -19.12 7.34
C ASP A 137 -19.12 -19.73 6.60
N GLY A 138 -20.29 -19.15 6.79
CA GLY A 138 -21.47 -19.64 6.12
C GLY A 138 -21.34 -19.50 4.62
N LEU A 139 -20.69 -18.44 4.17
CA LEU A 139 -20.49 -18.24 2.73
C LEU A 139 -19.54 -19.32 2.20
N VAL A 140 -18.46 -19.59 2.93
CA VAL A 140 -17.52 -20.62 2.50
C VAL A 140 -18.26 -21.94 2.38
N ALA A 141 -19.03 -22.29 3.40
CA ALA A 141 -19.77 -23.53 3.39
C ALA A 141 -20.73 -23.61 2.19
N ARG A 142 -21.45 -22.52 1.91
CA ARG A 142 -22.38 -22.52 0.78
C ARG A 142 -21.64 -22.79 -0.53
N ILE A 143 -20.48 -22.14 -0.71
CA ILE A 143 -19.73 -22.35 -1.93
C ILE A 143 -19.22 -23.79 -2.02
N GLN A 144 -18.70 -24.33 -0.92
CA GLN A 144 -18.20 -25.69 -0.93
C GLN A 144 -19.31 -26.65 -1.35
N GLN A 145 -20.52 -26.41 -0.83
CA GLN A 145 -21.67 -27.25 -1.11
C GLN A 145 -22.11 -27.30 -2.58
N THR A 146 -21.60 -26.39 -3.41
CA THR A 146 -21.94 -26.41 -4.83
C THR A 146 -21.08 -27.41 -5.59
N GLY A 147 -19.98 -27.84 -4.98
CA GLY A 147 -19.09 -28.78 -5.63
C GLY A 147 -17.86 -28.09 -6.22
N ALA A 148 -17.64 -26.85 -5.78
CA ALA A 148 -16.51 -26.05 -6.24
C ALA A 148 -15.17 -26.69 -5.85
N ASP A 149 -14.18 -26.56 -6.73
CA ASP A 149 -12.84 -27.07 -6.48
C ASP A 149 -12.09 -26.02 -5.66
N ILE A 150 -12.34 -24.75 -6.00
CA ILE A 150 -11.72 -23.61 -5.33
C ILE A 150 -12.78 -22.59 -4.94
N VAL A 151 -12.68 -22.09 -3.71
CA VAL A 151 -13.62 -21.08 -3.21
C VAL A 151 -13.03 -19.68 -3.44
N LYS A 152 -13.83 -18.76 -3.98
N LYS A 152 -13.85 -18.76 -3.95
CA LYS A 152 -13.37 -17.39 -4.20
CA LYS A 152 -13.38 -17.39 -4.21
C LYS A 152 -14.33 -16.40 -3.57
C LYS A 152 -14.34 -16.39 -3.58
N ILE A 153 -13.82 -15.58 -2.67
CA ILE A 153 -14.63 -14.58 -2.00
C ILE A 153 -13.96 -13.21 -2.04
N ALA A 154 -14.69 -12.23 -2.57
CA ALA A 154 -14.17 -10.88 -2.62
C ALA A 154 -15.12 -9.97 -1.85
N THR A 155 -14.58 -9.27 -0.86
CA THR A 155 -15.38 -8.35 -0.06
C THR A 155 -14.87 -6.93 -0.26
N THR A 156 -15.47 -5.98 0.44
CA THR A 156 -15.10 -4.57 0.34
C THR A 156 -14.67 -4.07 1.70
N ALA A 157 -13.58 -3.30 1.72
CA ALA A 157 -13.07 -2.77 2.98
C ALA A 157 -13.66 -1.41 3.32
N VAL A 158 -14.39 -1.34 4.43
CA VAL A 158 -14.97 -0.10 4.90
C VAL A 158 -13.90 0.52 5.81
N ASP A 159 -13.15 -0.36 6.47
CA ASP A 159 -12.05 0.05 7.36
C ASP A 159 -10.95 -1.00 7.23
N ILE A 160 -9.70 -0.58 7.42
CA ILE A 160 -8.58 -1.51 7.30
C ILE A 160 -8.64 -2.71 8.27
N ALA A 161 -9.35 -2.54 9.40
CA ALA A 161 -9.49 -3.62 10.38
C ALA A 161 -10.25 -4.79 9.78
N ASP A 162 -11.00 -4.54 8.71
CA ASP A 162 -11.77 -5.57 8.02
C ASP A 162 -10.91 -6.71 7.45
N VAL A 163 -9.70 -6.38 6.99
CA VAL A 163 -8.81 -7.37 6.40
C VAL A 163 -8.46 -8.55 7.32
N ALA A 164 -8.35 -8.28 8.61
CA ALA A 164 -8.03 -9.34 9.56
C ALA A 164 -9.01 -10.51 9.44
N ARG A 165 -10.28 -10.23 9.15
CA ARG A 165 -11.26 -11.31 9.04
C ARG A 165 -11.00 -12.16 7.81
N MET A 166 -10.63 -11.52 6.71
CA MET A 166 -10.32 -12.28 5.51
C MET A 166 -9.09 -13.16 5.71
N PHE A 167 -8.08 -12.67 6.44
CA PHE A 167 -6.88 -13.48 6.68
C PHE A 167 -7.26 -14.72 7.51
N HIS A 168 -8.19 -14.56 8.45
CA HIS A 168 -8.61 -15.68 9.27
C HIS A 168 -9.24 -16.74 8.36
N ILE A 169 -10.02 -16.29 7.38
CA ILE A 169 -10.67 -17.22 6.46
C ILE A 169 -9.69 -17.96 5.57
N THR A 170 -8.77 -17.23 4.95
CA THR A 170 -7.82 -17.91 4.07
C THR A 170 -6.86 -18.80 4.85
N SER A 171 -6.48 -18.35 6.04
CA SER A 171 -5.55 -19.09 6.87
C SER A 171 -6.07 -20.39 7.47
N LYS A 172 -7.37 -20.43 7.78
CA LYS A 172 -7.93 -21.62 8.42
C LYS A 172 -8.94 -22.46 7.62
N ALA A 173 -9.53 -21.93 6.56
CA ALA A 173 -10.49 -22.73 5.78
C ALA A 173 -9.77 -23.91 5.13
N GLN A 174 -10.28 -25.12 5.37
CA GLN A 174 -9.67 -26.33 4.82
C GLN A 174 -10.16 -26.69 3.42
N VAL A 175 -9.95 -25.73 2.51
CA VAL A 175 -10.34 -25.88 1.11
C VAL A 175 -9.54 -24.76 0.41
N PRO A 176 -9.13 -24.98 -0.86
CA PRO A 176 -8.36 -23.92 -1.55
C PRO A 176 -9.21 -22.65 -1.59
N THR A 177 -8.67 -21.54 -1.08
CA THR A 177 -9.44 -20.31 -1.03
C THR A 177 -8.78 -19.04 -1.55
N ILE A 178 -9.47 -18.35 -2.44
CA ILE A 178 -9.03 -17.08 -2.99
C ILE A 178 -9.85 -16.07 -2.20
N GLY A 179 -9.19 -15.35 -1.30
CA GLY A 179 -9.92 -14.39 -0.48
C GLY A 179 -9.28 -13.03 -0.60
N LEU A 180 -10.03 -12.09 -1.13
CA LEU A 180 -9.52 -10.74 -1.34
C LEU A 180 -10.48 -9.66 -0.86
N VAL A 181 -9.92 -8.54 -0.41
CA VAL A 181 -10.72 -7.40 0.05
C VAL A 181 -10.44 -6.21 -0.85
N MET A 182 -11.47 -5.74 -1.53
CA MET A 182 -11.37 -4.62 -2.47
C MET A 182 -11.27 -3.24 -1.82
N GLY A 183 -10.75 -2.27 -2.57
CA GLY A 183 -10.61 -0.91 -2.08
C GLY A 183 -9.20 -0.61 -1.60
N GLU A 184 -8.81 0.66 -1.54
CA GLU A 184 -7.47 0.99 -1.08
C GLU A 184 -7.21 0.44 0.33
N ARG A 185 -8.20 0.56 1.21
CA ARG A 185 -8.09 0.08 2.58
C ARG A 185 -7.93 -1.44 2.70
N GLY A 186 -8.12 -2.15 1.59
CA GLY A 186 -7.96 -3.59 1.61
C GLY A 186 -6.72 -4.10 0.88
N LEU A 187 -5.90 -3.18 0.38
CA LEU A 187 -4.69 -3.54 -0.36
C LEU A 187 -3.83 -4.62 0.31
N MET A 188 -3.66 -4.52 1.62
CA MET A 188 -2.87 -5.49 2.37
C MET A 188 -3.32 -6.93 2.11
N SER A 189 -4.62 -7.12 1.87
CA SER A 189 -5.15 -8.45 1.63
C SER A 189 -4.65 -9.04 0.32
N ARG A 190 -4.20 -8.17 -0.59
CA ARG A 190 -3.73 -8.60 -1.91
C ARG A 190 -2.24 -8.91 -1.91
N ILE A 191 -1.52 -8.37 -0.93
CA ILE A 191 -0.08 -8.54 -0.85
C ILE A 191 0.41 -9.70 0.02
N LEU A 192 -0.22 -9.87 1.19
CA LEU A 192 0.20 -10.90 2.14
C LEU A 192 -0.42 -12.30 1.99
N CYS A 193 -1.00 -12.59 0.84
CA CYS A 193 -1.62 -13.90 0.58
C CYS A 193 -0.81 -15.13 0.96
N SER A 194 0.48 -15.10 0.63
CA SER A 194 1.36 -16.23 0.92
C SER A 194 1.64 -16.45 2.40
N LYS A 195 1.36 -15.46 3.24
CA LYS A 195 1.55 -15.62 4.67
C LYS A 195 0.27 -16.16 5.30
N PHE A 196 -0.87 -15.74 4.76
CA PHE A 196 -2.15 -16.15 5.33
C PHE A 196 -2.96 -17.20 4.59
N GLY A 197 -2.28 -17.98 3.74
CA GLY A 197 -2.94 -19.06 3.02
C GLY A 197 -3.77 -18.81 1.77
N GLY A 198 -3.72 -17.60 1.22
CA GLY A 198 -4.51 -17.32 0.03
C GLY A 198 -4.02 -18.10 -1.18
N TYR A 199 -4.95 -18.63 -1.97
CA TYR A 199 -4.56 -19.41 -3.15
C TYR A 199 -4.05 -18.59 -4.33
N LEU A 200 -4.56 -17.37 -4.47
CA LEU A 200 -4.18 -16.54 -5.61
C LEU A 200 -4.47 -15.08 -5.35
N THR A 201 -3.77 -14.22 -6.07
CA THR A 201 -3.97 -12.78 -5.98
C THR A 201 -3.89 -12.22 -7.40
N PHE A 202 -4.56 -11.11 -7.66
CA PHE A 202 -4.55 -10.52 -8.99
C PHE A 202 -3.58 -9.34 -9.07
N GLY A 203 -2.75 -9.35 -10.11
CA GLY A 203 -1.80 -8.27 -10.34
C GLY A 203 -2.06 -7.76 -11.75
N THR A 204 -1.99 -6.45 -11.95
CA THR A 204 -2.27 -5.86 -13.25
C THR A 204 -1.07 -5.73 -14.20
N LEU A 205 -1.36 -5.69 -15.49
CA LEU A 205 -0.33 -5.53 -16.51
C LEU A 205 0.24 -4.13 -16.37
N ASP A 206 -0.62 -3.18 -16.03
CA ASP A 206 -0.20 -1.80 -15.82
C ASP A 206 -1.28 -1.11 -14.98
N SER A 207 -0.94 0.03 -14.38
CA SER A 207 -1.87 0.76 -13.54
C SER A 207 -3.24 1.09 -14.13
N SER A 208 -3.37 1.05 -15.46
CA SER A 208 -4.65 1.37 -16.08
C SER A 208 -5.54 0.17 -16.38
N LYS A 209 -4.99 -1.03 -16.27
CA LYS A 209 -5.76 -2.24 -16.54
C LYS A 209 -6.22 -2.94 -15.26
N VAL A 210 -7.00 -2.21 -14.47
CA VAL A 210 -7.53 -2.71 -13.21
C VAL A 210 -8.94 -3.31 -13.37
N SER A 211 -9.17 -4.50 -12.82
CA SER A 211 -10.49 -5.13 -12.94
C SER A 211 -11.30 -5.01 -11.65
N ALA A 212 -10.66 -4.52 -10.59
CA ALA A 212 -11.30 -4.32 -9.29
C ALA A 212 -10.46 -3.35 -8.48
N PRO A 213 -11.11 -2.45 -7.71
CA PRO A 213 -10.45 -1.44 -6.87
C PRO A 213 -9.33 -1.96 -5.96
N GLY A 214 -8.18 -1.31 -6.02
CA GLY A 214 -7.07 -1.69 -5.17
C GLY A 214 -6.00 -2.61 -5.73
N GLN A 215 -6.25 -3.25 -6.88
CA GLN A 215 -5.23 -4.15 -7.43
C GLN A 215 -3.90 -3.46 -7.74
N PRO A 216 -2.78 -4.06 -7.31
CA PRO A 216 -1.45 -3.49 -7.56
C PRO A 216 -0.97 -4.06 -8.89
N THR A 217 0.18 -3.61 -9.38
CA THR A 217 0.69 -4.16 -10.64
C THR A 217 1.51 -5.42 -10.32
N ILE A 218 1.69 -6.27 -11.32
CA ILE A 218 2.47 -7.49 -11.17
C ILE A 218 3.90 -7.07 -10.82
N LYS A 219 4.40 -6.06 -11.51
CA LYS A 219 5.75 -5.57 -11.27
C LYS A 219 5.95 -5.21 -9.80
N ASP A 220 5.07 -4.38 -9.24
CA ASP A 220 5.18 -3.99 -7.85
C ASP A 220 5.08 -5.17 -6.88
N LEU A 221 4.18 -6.12 -7.15
CA LEU A 221 4.06 -7.29 -6.28
C LEU A 221 5.41 -8.01 -6.22
N LEU A 222 6.02 -8.25 -7.38
CA LEU A 222 7.28 -8.99 -7.44
C LEU A 222 8.53 -8.25 -7.02
N ASP A 223 8.67 -7.01 -7.50
CA ASP A 223 9.87 -6.22 -7.22
C ASP A 223 9.81 -5.21 -6.09
N LEU A 224 8.61 -4.74 -5.75
CA LEU A 224 8.49 -3.75 -4.69
C LEU A 224 8.15 -4.40 -3.35
N TYR A 225 7.13 -5.26 -3.36
CA TYR A 225 6.70 -5.95 -2.16
C TYR A 225 7.39 -7.31 -1.95
N ASN A 226 8.25 -7.70 -2.89
CA ASN A 226 8.97 -8.98 -2.79
C ASN A 226 8.02 -10.14 -2.49
N PHE A 227 6.96 -10.24 -3.31
CA PHE A 227 5.92 -11.26 -3.15
C PHE A 227 6.41 -12.70 -2.93
N ARG A 228 7.37 -13.14 -3.75
CA ARG A 228 7.88 -14.51 -3.63
C ARG A 228 8.55 -14.84 -2.30
N ARG A 229 9.04 -13.83 -1.58
CA ARG A 229 9.72 -14.06 -0.30
C ARG A 229 8.79 -14.08 0.91
N ILE A 230 7.52 -13.77 0.70
CA ILE A 230 6.55 -13.74 1.79
C ILE A 230 6.08 -15.16 2.11
N GLY A 231 6.12 -15.50 3.40
CA GLY A 231 5.70 -16.82 3.84
C GLY A 231 5.02 -16.76 5.20
N PRO A 232 4.56 -17.91 5.71
CA PRO A 232 3.88 -17.99 7.02
C PRO A 232 4.60 -17.35 8.20
N ASP A 233 5.93 -17.38 8.19
CA ASP A 233 6.71 -16.83 9.30
C ASP A 233 7.22 -15.40 9.10
N THR A 234 6.96 -14.83 7.93
CA THR A 234 7.40 -13.47 7.65
C THR A 234 6.75 -12.47 8.62
N LYS A 235 7.55 -11.57 9.18
CA LYS A 235 7.03 -10.55 10.09
C LYS A 235 6.53 -9.37 9.25
N VAL A 236 5.40 -8.77 9.65
CA VAL A 236 4.80 -7.65 8.92
C VAL A 236 5.05 -6.29 9.55
N TYR A 237 5.39 -5.33 8.69
CA TYR A 237 5.65 -3.95 9.09
C TYR A 237 4.89 -3.06 8.11
N GLY A 238 4.71 -1.79 8.48
CA GLY A 238 4.01 -0.89 7.58
C GLY A 238 4.01 0.57 7.98
N ILE A 239 3.68 1.42 7.01
CA ILE A 239 3.59 2.85 7.22
C ILE A 239 2.13 3.23 7.50
N ILE A 240 1.88 3.72 8.71
CA ILE A 240 0.54 4.14 9.15
C ILE A 240 0.30 5.62 8.82
N GLY A 241 -0.79 5.89 8.10
CA GLY A 241 -1.10 7.28 7.77
C GLY A 241 -2.43 7.48 7.09
N LYS A 242 -2.76 8.75 6.82
CA LYS A 242 -4.00 9.12 6.14
C LYS A 242 -3.87 10.56 5.65
N PRO A 243 -3.60 10.75 4.35
CA PRO A 243 -3.41 9.72 3.32
C PRO A 243 -2.07 8.98 3.50
N VAL A 244 -1.90 7.88 2.76
CA VAL A 244 -0.67 7.10 2.84
C VAL A 244 -0.15 6.62 1.47
N SER A 245 -0.96 6.79 0.43
CA SER A 245 -0.60 6.32 -0.91
C SER A 245 0.68 6.92 -1.51
N HIS A 246 1.11 8.06 -1.00
CA HIS A 246 2.30 8.73 -1.50
C HIS A 246 3.58 8.17 -0.88
N SER A 247 3.44 7.40 0.19
CA SER A 247 4.63 6.89 0.90
C SER A 247 5.56 5.97 0.14
N LYS A 248 6.87 6.24 0.26
CA LYS A 248 7.89 5.43 -0.37
C LYS A 248 8.58 4.53 0.66
N SER A 249 8.05 4.49 1.89
CA SER A 249 8.65 3.62 2.91
C SER A 249 8.65 2.17 2.45
N PRO A 250 7.56 1.71 1.81
CA PRO A 250 7.56 0.32 1.36
C PRO A 250 8.65 0.05 0.31
N ILE A 251 9.01 1.06 -0.47
CA ILE A 251 10.06 0.87 -1.47
C ILE A 251 11.41 0.62 -0.80
N VAL A 252 11.81 1.52 0.09
CA VAL A 252 13.11 1.40 0.74
C VAL A 252 13.25 0.26 1.73
N HIS A 253 12.27 0.05 2.61
CA HIS A 253 12.39 -1.02 3.59
C HIS A 253 12.34 -2.43 2.99
N ASN A 254 11.51 -2.66 1.98
CA ASN A 254 11.47 -3.97 1.37
C ASN A 254 12.79 -4.28 0.65
N GLN A 255 13.38 -3.28 0.00
CA GLN A 255 14.66 -3.51 -0.68
C GLN A 255 15.71 -3.88 0.37
N ALA A 256 15.77 -3.12 1.45
CA ALA A 256 16.74 -3.37 2.52
C ALA A 256 16.55 -4.75 3.15
N PHE A 257 15.30 -5.10 3.48
CA PHE A 257 15.03 -6.43 4.06
C PHE A 257 15.55 -7.53 3.14
N LYS A 258 15.29 -7.40 1.84
CA LYS A 258 15.74 -8.37 0.86
C LYS A 258 17.27 -8.45 0.85
N SER A 259 17.91 -7.30 0.80
CA SER A 259 19.38 -7.23 0.77
C SER A 259 20.08 -7.94 1.92
N VAL A 260 19.54 -7.82 3.13
CA VAL A 260 20.16 -8.49 4.28
C VAL A 260 19.46 -9.79 4.63
N ASP A 261 18.59 -10.24 3.73
CA ASP A 261 17.81 -11.47 3.92
C ASP A 261 17.10 -11.55 5.27
N PHE A 262 16.43 -10.45 5.64
CA PHE A 262 15.65 -10.37 6.87
C PHE A 262 14.25 -10.80 6.47
N ASN A 263 13.68 -11.77 7.19
CA ASN A 263 12.35 -12.26 6.85
C ASN A 263 11.24 -11.30 7.28
N GLY A 264 11.11 -10.23 6.53
CA GLY A 264 10.08 -9.25 6.82
C GLY A 264 9.52 -8.68 5.53
N VAL A 265 8.35 -8.06 5.64
CA VAL A 265 7.70 -7.44 4.48
C VAL A 265 7.08 -6.15 5.00
N TYR A 266 7.10 -5.09 4.17
CA TYR A 266 6.59 -3.78 4.56
C TYR A 266 5.48 -3.29 3.61
N VAL A 267 4.32 -2.90 4.17
CA VAL A 267 3.20 -2.44 3.34
C VAL A 267 2.59 -1.10 3.73
N HIS A 268 1.68 -0.60 2.88
CA HIS A 268 1.00 0.65 3.16
C HIS A 268 -0.18 0.36 4.09
N LEU A 269 -0.41 1.23 5.06
CA LEU A 269 -1.52 1.04 6.01
C LEU A 269 -2.40 2.27 6.10
N LEU A 270 -3.47 2.31 5.30
CA LEU A 270 -4.39 3.45 5.31
C LEU A 270 -5.27 3.33 6.56
N VAL A 271 -4.97 4.15 7.56
CA VAL A 271 -5.66 4.13 8.85
C VAL A 271 -6.53 5.34 9.19
N ASP A 272 -7.80 5.06 9.51
CA ASP A 272 -8.75 6.11 9.86
C ASP A 272 -8.74 6.34 11.36
N ASN A 273 -8.77 5.24 12.12
CA ASN A 273 -8.79 5.27 13.57
C ASN A 273 -7.56 4.50 14.08
N LEU A 274 -6.59 5.21 14.66
CA LEU A 274 -5.36 4.56 15.13
C LEU A 274 -5.60 3.54 16.24
N VAL A 275 -6.45 3.89 17.21
CA VAL A 275 -6.74 3.00 18.32
C VAL A 275 -7.34 1.67 17.87
N SER A 276 -8.33 1.70 16.98
CA SER A 276 -8.94 0.45 16.53
C SER A 276 -7.98 -0.36 15.68
N PHE A 277 -7.08 0.32 14.97
CA PHE A 277 -6.13 -0.39 14.13
C PHE A 277 -5.15 -1.22 14.95
N LEU A 278 -4.52 -0.59 15.94
CA LEU A 278 -3.55 -1.29 16.77
C LEU A 278 -4.22 -2.45 17.51
N GLN A 279 -5.48 -2.28 17.88
CA GLN A 279 -6.19 -3.34 18.58
C GLN A 279 -6.52 -4.49 17.64
N ALA A 280 -6.79 -4.17 16.38
CA ALA A 280 -7.13 -5.18 15.39
C ALA A 280 -5.91 -5.98 14.94
N TYR A 281 -4.72 -5.39 15.01
CA TYR A 281 -3.51 -6.09 14.60
C TYR A 281 -2.47 -6.06 15.71
N SER A 282 -2.77 -6.76 16.81
CA SER A 282 -1.87 -6.81 17.95
C SER A 282 -1.06 -8.10 18.03
N SER A 283 -1.27 -9.02 17.09
CA SER A 283 -0.54 -10.29 17.10
C SER A 283 0.94 -10.09 16.80
N SER A 284 1.73 -11.12 17.08
CA SER A 284 3.16 -11.05 16.83
C SER A 284 3.47 -11.03 15.34
N ASP A 285 2.45 -11.19 14.50
CA ASP A 285 2.66 -11.16 13.06
C ASP A 285 2.96 -9.73 12.61
N PHE A 286 2.49 -8.76 13.38
CA PHE A 286 2.68 -7.35 13.09
C PHE A 286 3.68 -6.80 14.10
N ALA A 287 4.95 -6.85 13.71
CA ALA A 287 6.08 -6.44 14.56
C ALA A 287 6.45 -4.97 14.72
N GLY A 288 6.07 -4.12 13.78
CA GLY A 288 6.44 -2.71 13.91
C GLY A 288 5.78 -1.80 12.90
N PHE A 289 5.78 -0.50 13.19
CA PHE A 289 5.15 0.46 12.30
C PHE A 289 5.83 1.82 12.25
N SER A 290 5.77 2.45 11.08
CA SER A 290 6.28 3.80 10.91
C SER A 290 4.97 4.60 10.95
N CYS A 291 5.02 5.82 11.49
CA CYS A 291 3.82 6.65 11.57
C CYS A 291 4.01 8.02 10.96
N THR A 292 3.12 8.39 10.06
CA THR A 292 3.20 9.69 9.43
C THR A 292 1.87 10.42 9.61
N ILE A 293 1.75 11.57 8.99
CA ILE A 293 0.56 12.40 9.06
C ILE A 293 -0.71 11.54 9.03
N PRO A 294 -1.63 11.76 9.99
CA PRO A 294 -1.58 12.72 11.09
C PRO A 294 -1.62 11.96 12.42
N HIS A 295 -1.00 10.78 12.44
CA HIS A 295 -1.03 9.94 13.62
C HIS A 295 0.19 9.97 14.55
N LYS A 296 1.14 10.88 14.32
CA LYS A 296 2.34 10.94 15.16
C LYS A 296 2.04 11.21 16.64
N GLU A 297 1.05 12.05 16.92
CA GLU A 297 0.70 12.35 18.31
C GLU A 297 -0.10 11.21 18.94
N ALA A 298 -1.09 10.70 18.21
CA ALA A 298 -1.92 9.61 18.69
C ALA A 298 -1.05 8.38 18.96
N ALA A 299 -0.02 8.21 18.14
CA ALA A 299 0.89 7.08 18.29
C ALA A 299 1.52 7.14 19.68
N LEU A 300 1.99 8.31 20.07
CA LEU A 300 2.60 8.51 21.38
C LEU A 300 1.72 8.01 22.51
N GLN A 301 0.43 8.34 22.44
CA GLN A 301 -0.52 7.93 23.47
C GLN A 301 -0.75 6.42 23.51
N CYS A 303 1.34 4.03 22.82
CA CYS A 303 2.51 3.25 23.21
C CYS A 303 2.54 2.95 24.71
N ASP A 304 2.97 1.74 25.05
CA ASP A 304 3.07 1.34 26.45
C ASP A 304 4.31 1.97 27.08
N GLU A 305 5.36 2.12 26.27
CA GLU A 305 6.59 2.72 26.75
C GLU A 305 7.09 3.70 25.69
N VAL A 306 7.51 4.89 26.11
CA VAL A 306 7.98 5.90 25.18
C VAL A 306 9.41 6.34 25.48
N ASP A 307 10.25 6.25 24.45
CA ASP A 307 11.66 6.63 24.56
C ASP A 307 11.74 8.06 25.09
N PRO A 308 12.71 8.34 25.97
CA PRO A 308 12.87 9.67 26.55
C PRO A 308 12.83 10.79 25.50
N LEU A 309 13.48 10.55 24.36
CA LEU A 309 13.51 11.55 23.30
C LEU A 309 12.11 11.80 22.74
N ALA A 310 11.38 10.72 22.50
CA ALA A 310 10.04 10.83 21.95
C ALA A 310 9.13 11.55 22.93
N LYS A 311 9.26 11.22 24.22
CA LYS A 311 8.45 11.84 25.26
C LYS A 311 8.68 13.35 25.34
N SER A 312 9.94 13.78 25.34
CA SER A 312 10.22 15.21 25.44
C SER A 312 9.77 15.96 24.19
N ILE A 313 9.76 15.26 23.04
CA ILE A 313 9.33 15.88 21.79
C ILE A 313 7.81 16.00 21.75
N GLY A 314 7.13 14.93 22.15
CA GLY A 314 5.69 14.92 22.16
C GLY A 314 5.10 14.24 20.93
N ALA A 315 5.89 13.41 20.25
CA ALA A 315 5.44 12.71 19.06
C ALA A 315 6.22 11.42 18.82
N VAL A 316 5.58 10.47 18.14
CA VAL A 316 6.19 9.17 17.83
C VAL A 316 6.00 8.80 16.36
N ASN A 317 7.09 8.47 15.67
CA ASN A 317 7.00 8.07 14.27
C ASN A 317 7.44 6.61 14.07
N THR A 318 7.83 5.95 15.15
CA THR A 318 8.26 4.55 15.08
C THR A 318 7.72 3.72 16.24
N ILE A 319 7.02 2.65 15.91
CA ILE A 319 6.45 1.76 16.91
C ILE A 319 7.00 0.34 16.75
N LEU A 320 7.47 -0.25 17.85
CA LEU A 320 8.01 -1.60 17.83
C LEU A 320 7.26 -2.50 18.81
N ARG A 321 6.87 -3.68 18.36
CA ARG A 321 6.16 -4.64 19.20
C ARG A 321 7.14 -5.66 19.79
N ARG A 322 7.41 -5.51 21.09
CA ARG A 322 8.34 -6.40 21.77
C ARG A 322 7.83 -7.83 21.79
N LYS A 323 8.67 -8.75 21.31
CA LYS A 323 8.29 -10.16 21.26
C LYS A 323 8.12 -10.72 22.66
N SER A 324 8.86 -10.16 23.62
CA SER A 324 8.81 -10.59 25.01
C SER A 324 7.38 -10.63 25.54
N ASP A 325 6.88 -9.46 25.96
CA ASP A 325 5.54 -9.34 26.48
C ASP A 325 4.50 -9.11 25.37
N GLY A 326 4.84 -8.24 24.43
CA GLY A 326 3.93 -7.95 23.34
C GLY A 326 3.42 -6.53 23.38
N LYS A 327 4.12 -5.67 24.12
CA LYS A 327 3.72 -4.27 24.24
C LYS A 327 4.40 -3.40 23.19
N LEU A 328 3.87 -2.20 23.00
CA LEU A 328 4.39 -1.27 22.01
C LEU A 328 5.34 -0.24 22.58
N LEU A 329 6.49 -0.08 21.92
CA LEU A 329 7.51 0.88 22.33
C LEU A 329 7.58 2.00 21.29
N GLY A 330 7.62 3.25 21.75
CA GLY A 330 7.67 4.37 20.83
C GLY A 330 8.98 5.11 20.75
N TYR A 331 9.38 5.44 19.52
CA TYR A 331 10.63 6.17 19.26
C TYR A 331 10.37 7.29 18.27
N ASN A 332 11.33 8.20 18.13
CA ASN A 332 11.19 9.28 17.18
C ASN A 332 12.48 9.49 16.39
N THR A 333 12.48 9.11 15.12
CA THR A 333 13.65 9.26 14.27
C THR A 333 13.58 10.52 13.40
N ASP A 334 12.48 11.26 13.50
CA ASP A 334 12.31 12.50 12.74
C ASP A 334 13.28 13.60 13.17
N ILE A 336 16.46 13.60 14.60
CA ILE A 336 17.81 13.43 14.08
C ILE A 336 17.84 13.56 12.56
N GLY A 337 16.82 13.04 11.89
CA GLY A 337 16.78 13.12 10.44
C GLY A 337 16.73 14.52 9.89
N SER A 338 15.84 15.36 10.44
CA SER A 338 15.72 16.73 9.97
C SER A 338 16.88 17.62 10.37
N ILE A 339 17.31 17.51 11.64
CA ILE A 339 18.41 18.34 12.13
C ILE A 339 19.73 18.02 11.42
N SER A 340 20.03 16.74 11.28
CA SER A 340 21.26 16.33 10.61
C SER A 340 21.24 16.74 9.14
N ALA A 341 20.05 16.66 8.53
CA ALA A 341 19.90 17.03 7.13
C ALA A 341 20.16 18.53 6.94
N ILE A 342 19.63 19.34 7.86
CA ILE A 342 19.82 20.78 7.78
C ILE A 342 21.27 21.17 8.05
N GLU A 343 21.84 20.66 9.14
CA GLU A 343 23.22 20.97 9.48
C GLU A 343 24.13 20.66 8.30
N ASP A 344 23.92 19.50 7.68
CA ASP A 344 24.73 19.09 6.54
C ASP A 344 24.59 20.10 5.40
N GLY A 345 23.41 20.70 5.29
CA GLY A 345 23.18 21.67 4.24
C GLY A 345 24.02 22.93 4.42
N LEU A 346 24.24 23.30 5.68
CA LEU A 346 25.02 24.49 6.02
C LEU A 346 26.51 24.24 5.85
N THR A 366 18.82 31.07 14.41
CA THR A 366 17.40 31.39 14.28
C THR A 366 16.72 30.52 13.21
N VAL A 367 16.01 29.48 13.68
CA VAL A 367 15.31 28.58 12.79
C VAL A 367 13.80 28.87 12.78
N VAL A 368 13.27 29.26 11.63
CA VAL A 368 11.84 29.55 11.52
C VAL A 368 11.13 28.28 11.07
N VAL A 369 10.42 27.65 12.00
CA VAL A 369 9.71 26.41 11.72
C VAL A 369 8.27 26.65 11.32
N ILE A 370 7.89 26.17 10.14
CA ILE A 370 6.52 26.31 9.64
C ILE A 370 5.79 25.01 9.95
N GLY A 371 4.75 25.10 10.76
CA GLY A 371 3.99 23.91 11.11
C GLY A 371 4.26 23.50 12.55
N ALA A 372 3.24 23.01 13.22
CA ALA A 372 3.37 22.61 14.62
C ALA A 372 2.76 21.25 14.91
N GLY A 373 2.78 20.37 13.92
CA GLY A 373 2.25 19.02 14.14
C GLY A 373 3.39 18.11 14.55
N GLY A 374 3.25 16.82 14.26
CA GLY A 374 4.28 15.85 14.62
C GLY A 374 5.69 16.18 14.17
N ALA A 375 5.86 16.50 12.88
CA ALA A 375 7.17 16.83 12.35
C ALA A 375 7.68 18.17 12.90
N GLY A 376 6.76 19.12 13.04
CA GLY A 376 7.14 20.43 13.54
C GLY A 376 7.67 20.35 14.95
N LYS A 377 7.02 19.52 15.77
CA LYS A 377 7.43 19.35 17.16
C LYS A 377 8.85 18.81 17.27
N ALA A 378 9.16 17.83 16.42
CA ALA A 378 10.47 17.21 16.42
C ALA A 378 11.56 18.15 15.92
N LEU A 379 11.28 18.85 14.84
CA LEU A 379 12.26 19.76 14.27
C LEU A 379 12.49 20.96 15.20
N ALA A 380 11.43 21.40 15.86
CA ALA A 380 11.53 22.52 16.80
C ALA A 380 12.40 22.13 17.98
N TYR A 381 12.07 20.99 18.59
CA TYR A 381 12.82 20.47 19.73
C TYR A 381 14.32 20.41 19.40
N GLY A 382 14.64 19.68 18.34
CA GLY A 382 16.03 19.53 17.92
C GLY A 382 16.76 20.81 17.60
N ALA A 383 16.06 21.77 16.99
CA ALA A 383 16.67 23.05 16.64
C ALA A 383 17.13 23.74 17.92
N LYS A 384 16.30 23.68 18.97
CA LYS A 384 16.63 24.29 20.24
C LYS A 384 17.85 23.62 20.86
N GLU A 385 17.83 22.29 20.87
CA GLU A 385 18.93 21.50 21.42
C GLU A 385 20.28 21.90 20.84
N LYS A 386 20.27 22.35 19.58
CA LYS A 386 21.51 22.76 18.92
C LYS A 386 21.89 24.20 19.28
N GLY A 387 20.95 24.94 19.84
CA GLY A 387 21.23 26.31 20.21
C GLY A 387 20.07 27.26 19.96
N ALA A 388 19.91 27.70 18.71
CA ALA A 388 18.84 28.61 18.35
C ALA A 388 17.47 28.00 18.63
N VAL A 390 14.44 29.85 17.99
CA VAL A 390 13.44 29.11 17.24
C VAL A 390 12.10 29.83 17.21
N VAL A 391 11.52 29.96 16.02
CA VAL A 391 10.23 30.62 15.86
C VAL A 391 9.28 29.64 15.20
N ILE A 392 8.04 29.58 15.69
CA ILE A 392 7.04 28.67 15.15
C ILE A 392 5.87 29.40 14.51
N ALA A 393 5.69 29.23 13.21
CA ALA A 393 4.58 29.85 12.47
C ALA A 393 3.62 28.73 12.07
N ASN A 394 2.35 28.86 12.44
CA ASN A 394 1.37 27.82 12.12
C ASN A 394 -0.02 28.38 11.79
N ARG A 395 -0.71 27.72 10.85
CA ARG A 395 -2.06 28.12 10.45
C ARG A 395 -2.88 28.32 11.72
N THR A 396 -2.86 27.29 12.57
CA THR A 396 -3.57 27.34 13.84
C THR A 396 -2.59 27.90 14.87
N TYR A 397 -2.75 29.19 15.15
CA TYR A 397 -1.89 29.92 16.09
C TYR A 397 -1.65 29.22 17.42
N GLU A 398 -2.73 28.83 18.09
CA GLU A 398 -2.64 28.19 19.39
C GLU A 398 -1.58 27.09 19.46
N ARG A 399 -1.52 26.25 18.43
CA ARG A 399 -0.53 25.19 18.42
C ARG A 399 0.89 25.74 18.39
N ALA A 400 1.12 26.73 17.52
CA ALA A 400 2.45 27.33 17.42
C ALA A 400 2.82 27.98 18.74
N LEU A 401 1.81 28.56 19.40
CA LEU A 401 1.99 29.22 20.68
C LEU A 401 2.41 28.17 21.71
N GLU A 402 1.58 27.14 21.85
CA GLU A 402 1.83 26.06 22.79
C GLU A 402 3.25 25.53 22.61
N LEU A 403 3.62 25.24 21.37
CA LEU A 403 4.94 24.72 21.06
C LEU A 403 6.05 25.70 21.44
N ALA A 404 5.90 26.96 21.04
CA ALA A 404 6.89 28.00 21.32
C ALA A 404 7.22 28.07 22.80
N GLU A 405 6.21 27.95 23.66
CA GLU A 405 6.43 28.01 25.09
C GLU A 405 6.99 26.71 25.64
N ALA A 406 6.77 25.62 24.91
CA ALA A 406 7.24 24.31 25.34
C ALA A 406 8.76 24.19 25.19
N ILE A 407 9.32 24.93 24.25
CA ILE A 407 10.76 24.89 24.01
C ILE A 407 11.39 26.27 24.12
N GLY A 408 10.63 27.23 24.60
CA GLY A 408 11.14 28.58 24.72
C GLY A 408 11.48 29.22 23.38
N GLY A 409 10.45 29.58 22.63
CA GLY A 409 10.65 30.20 21.34
C GLY A 409 9.52 31.16 20.99
N ALA A 411 6.07 32.18 19.10
CA ALA A 411 5.03 31.85 18.12
C ALA A 411 4.90 32.94 17.06
N LEU A 412 4.41 32.55 15.89
CA LEU A 412 4.24 33.49 14.79
C LEU A 412 3.00 33.07 13.99
N SER A 413 2.18 34.04 13.62
CA SER A 413 0.98 33.75 12.86
C SER A 413 1.33 33.46 11.40
N LEU A 414 0.74 32.41 10.85
CA LEU A 414 1.00 31.99 9.48
C LEU A 414 0.92 33.12 8.47
N THR A 415 0.17 34.17 8.81
CA THR A 415 0.02 35.30 7.90
C THR A 415 1.16 36.30 8.05
N ASP A 416 1.71 36.40 9.26
CA ASP A 416 2.81 37.31 9.54
C ASP A 416 4.14 36.77 9.05
N LEU A 417 4.15 35.51 8.64
CA LEU A 417 5.36 34.86 8.14
C LEU A 417 5.85 35.48 6.84
N ASP A 418 4.91 35.95 6.02
CA ASP A 418 5.24 36.55 4.73
C ASP A 418 6.11 37.81 4.83
N ASN A 419 5.89 38.63 5.86
CA ASN A 419 6.64 39.86 6.02
C ASN A 419 7.60 39.81 7.21
N TYR A 420 7.83 38.63 7.75
CA TYR A 420 8.72 38.46 8.90
C TYR A 420 10.17 38.75 8.50
N GLU A 423 16.51 39.43 10.34
CA GLU A 423 17.79 38.95 9.85
C GLU A 423 17.71 38.57 8.38
N ASP A 424 18.85 38.28 7.77
CA ASP A 424 18.90 37.91 6.36
C ASP A 424 19.58 36.56 6.12
N GLY A 425 20.14 35.98 7.18
CA GLY A 425 20.81 34.70 7.06
C GLY A 425 20.07 33.63 7.84
N MET A 426 18.75 33.76 7.90
CA MET A 426 17.92 32.80 8.64
C MET A 426 17.65 31.51 7.86
N VAL A 427 17.17 30.51 8.58
CA VAL A 427 16.85 29.22 7.98
C VAL A 427 15.36 28.94 8.14
N LEU A 428 14.74 28.48 7.06
CA LEU A 428 13.31 28.18 7.07
C LEU A 428 13.13 26.68 6.95
N ALA A 429 12.22 26.12 7.74
CA ALA A 429 11.98 24.68 7.71
C ALA A 429 10.49 24.35 7.72
N ASN A 430 9.97 24.01 6.55
CA ASN A 430 8.55 23.67 6.45
C ASN A 430 8.29 22.25 6.92
N THR A 431 7.32 22.10 7.82
CA THR A 431 6.95 20.79 8.33
C THR A 431 5.45 20.54 8.15
N THR A 432 4.80 21.38 7.36
CA THR A 432 3.37 21.21 7.10
C THR A 432 3.25 20.34 5.84
N SER A 433 2.04 19.90 5.53
CA SER A 433 1.83 19.07 4.34
C SER A 433 1.54 19.91 3.10
N MET A 434 1.67 21.22 3.21
CA MET A 434 1.45 22.09 2.06
C MET A 434 2.50 21.73 1.02
N GLY A 435 2.07 21.60 -0.25
CA GLY A 435 3.00 21.26 -1.30
C GLY A 435 3.09 19.76 -1.60
N MET A 436 2.58 18.93 -0.69
CA MET A 436 2.62 17.48 -0.91
C MET A 436 1.64 17.08 -2.01
N GLN A 437 2.09 16.20 -2.92
CA GLN A 437 1.24 15.73 -4.03
C GLN A 437 -0.12 15.30 -3.48
N PRO A 438 -1.22 15.60 -4.19
CA PRO A 438 -1.35 16.32 -5.47
C PRO A 438 -1.42 17.85 -5.38
N ASN A 439 -1.25 18.40 -4.19
CA ASN A 439 -1.30 19.86 -3.98
C ASN A 439 0.06 20.47 -4.29
N VAL A 440 0.52 20.21 -5.50
CA VAL A 440 1.84 20.67 -5.96
C VAL A 440 2.06 22.17 -6.09
N GLU A 441 0.98 22.96 -6.11
CA GLU A 441 1.13 24.39 -6.24
C GLU A 441 0.93 25.17 -4.94
N GLU A 442 0.79 24.46 -3.83
CA GLU A 442 0.63 25.10 -2.52
C GLU A 442 2.02 25.42 -1.98
N THR A 443 2.15 26.53 -1.27
CA THR A 443 3.41 26.92 -0.66
C THR A 443 3.08 27.70 0.60
N PRO A 444 3.74 27.38 1.72
CA PRO A 444 3.50 28.04 3.00
C PRO A 444 3.97 29.50 3.15
N ILE A 445 4.70 30.01 2.17
CA ILE A 445 5.19 31.38 2.28
C ILE A 445 5.45 32.04 0.93
N SER A 446 5.37 33.37 0.90
CA SER A 446 5.60 34.13 -0.31
C SER A 446 7.09 34.15 -0.64
N LYS A 447 7.40 34.01 -1.92
CA LYS A 447 8.78 34.00 -2.37
C LYS A 447 9.49 35.34 -2.15
N ASP A 448 8.72 36.35 -1.74
CA ASP A 448 9.28 37.67 -1.49
C ASP A 448 10.05 37.72 -0.18
N ALA A 449 9.74 36.78 0.71
CA ALA A 449 10.39 36.71 2.02
C ALA A 449 11.58 35.76 2.03
N LEU A 450 11.70 34.95 0.98
CA LEU A 450 12.78 33.98 0.89
C LEU A 450 14.18 34.59 0.85
N LYS A 451 14.31 35.72 0.17
CA LYS A 451 15.62 36.37 0.06
C LYS A 451 16.22 36.65 1.43
N HIS A 452 15.39 36.55 2.47
CA HIS A 452 15.84 36.79 3.84
C HIS A 452 16.44 35.55 4.50
N TYR A 453 16.35 34.40 3.82
CA TYR A 453 16.88 33.17 4.38
C TYR A 453 18.10 32.65 3.64
N ALA A 454 19.05 32.10 4.39
CA ALA A 454 20.26 31.55 3.81
C ALA A 454 19.99 30.14 3.32
N LEU A 455 19.16 29.43 4.09
CA LEU A 455 18.81 28.05 3.77
C LEU A 455 17.32 27.80 4.02
N VAL A 456 16.75 26.94 3.18
CA VAL A 456 15.33 26.58 3.28
C VAL A 456 15.20 25.06 3.17
N PHE A 457 14.53 24.47 4.16
CA PHE A 457 14.32 23.03 4.23
C PHE A 457 12.83 22.72 4.11
N ASP A 458 12.51 21.57 3.53
CA ASP A 458 11.10 21.17 3.38
C ASP A 458 10.97 19.68 3.69
N ALA A 459 10.14 19.35 4.68
CA ALA A 459 9.94 17.96 5.07
C ALA A 459 9.20 17.17 3.98
N VAL A 460 8.33 17.83 3.24
CA VAL A 460 7.60 17.14 2.18
C VAL A 460 8.60 16.54 1.21
N TYR A 461 8.52 15.24 0.97
CA TYR A 461 9.45 14.60 0.05
C TYR A 461 8.77 14.03 -1.20
N THR A 462 7.46 14.22 -1.31
CA THR A 462 6.71 13.77 -2.48
C THR A 462 5.80 14.93 -2.90
N PRO A 463 6.22 15.69 -3.92
CA PRO A 463 7.45 15.57 -4.69
C PRO A 463 8.72 15.97 -3.96
N ARG A 464 9.86 15.60 -4.55
CA ARG A 464 11.16 15.91 -3.99
C ARG A 464 11.39 17.42 -4.03
N ILE A 465 11.03 18.03 -5.15
CA ILE A 465 11.16 19.47 -5.32
C ILE A 465 9.77 20.11 -5.27
N THR A 466 9.43 20.69 -4.12
CA THR A 466 8.13 21.33 -3.97
C THR A 466 8.18 22.74 -4.54
N ARG A 467 7.03 23.41 -4.60
CA ARG A 467 7.00 24.77 -5.11
C ARG A 467 7.88 25.63 -4.21
N LEU A 468 7.86 25.35 -2.91
CA LEU A 468 8.64 26.08 -1.93
C LEU A 468 10.14 25.99 -2.23
N LEU A 469 10.66 24.77 -2.34
CA LEU A 469 12.07 24.59 -2.62
C LEU A 469 12.43 25.22 -3.97
N ARG A 470 11.51 25.16 -4.92
CA ARG A 470 11.76 25.72 -6.24
C ARG A 470 11.91 27.24 -6.17
N GLU A 471 10.96 27.92 -5.55
CA GLU A 471 11.00 29.37 -5.44
C GLU A 471 12.15 29.81 -4.52
N ALA A 472 12.58 28.92 -3.64
CA ALA A 472 13.67 29.21 -2.73
C ALA A 472 15.00 29.13 -3.49
N GLU A 473 15.09 28.15 -4.38
CA GLU A 473 16.29 27.96 -5.20
C GLU A 473 16.43 29.19 -6.09
N GLU A 474 15.29 29.75 -6.46
CA GLU A 474 15.25 30.93 -7.31
C GLU A 474 15.43 32.19 -6.47
N SER A 475 15.39 32.02 -5.15
CA SER A 475 15.56 33.14 -4.23
C SER A 475 17.04 33.29 -3.89
N GLY A 476 17.85 32.35 -4.39
CA GLY A 476 19.27 32.40 -4.16
C GLY A 476 19.72 31.67 -2.91
N ALA A 477 18.78 31.08 -2.18
CA ALA A 477 19.11 30.35 -0.96
C ALA A 477 19.53 28.91 -1.22
N ILE A 478 20.16 28.29 -0.22
CA ILE A 478 20.58 26.91 -0.34
C ILE A 478 19.39 26.06 0.05
N THR A 479 19.20 24.92 -0.62
CA THR A 479 18.06 24.07 -0.33
C THR A 479 18.39 22.66 0.15
N VAL A 480 17.51 22.14 1.01
CA VAL A 480 17.63 20.79 1.55
C VAL A 480 16.26 20.13 1.35
N SER A 481 16.20 19.16 0.46
CA SER A 481 14.94 18.47 0.16
C SER A 481 14.54 17.49 1.25
N GLY A 482 13.24 17.22 1.33
CA GLY A 482 12.74 16.29 2.31
C GLY A 482 13.30 14.89 2.15
N SER A 483 13.84 14.59 0.98
CA SER A 483 14.40 13.27 0.75
C SER A 483 15.60 13.00 1.65
N GLU A 484 16.38 14.05 1.94
CA GLU A 484 17.54 13.90 2.82
C GLU A 484 17.04 13.51 4.21
N MET A 485 15.94 14.13 4.65
CA MET A 485 15.39 13.81 5.95
C MET A 485 14.76 12.42 5.94
N PHE A 486 14.13 12.06 4.82
CA PHE A 486 13.48 10.77 4.67
C PHE A 486 14.43 9.57 4.76
N VAL A 487 15.52 9.63 4.02
CA VAL A 487 16.46 8.51 4.05
C VAL A 487 17.05 8.36 5.44
N ARG A 488 17.40 9.48 6.07
CA ARG A 488 17.99 9.43 7.40
C ARG A 488 17.07 8.83 8.46
N GLN A 489 15.83 9.30 8.53
CA GLN A 489 14.93 8.76 9.52
C GLN A 489 14.60 7.30 9.21
N ALA A 490 14.68 6.93 7.94
CA ALA A 490 14.38 5.57 7.52
C ALA A 490 15.43 4.54 7.93
N TYR A 491 16.72 4.85 7.75
CA TYR A 491 17.69 3.83 8.14
C TYR A 491 17.74 3.65 9.66
N GLU A 492 17.32 4.66 10.40
CA GLU A 492 17.30 4.54 11.86
C GLU A 492 16.14 3.62 12.23
N GLN A 493 15.06 3.66 11.47
CA GLN A 493 13.91 2.80 11.75
C GLN A 493 14.26 1.34 11.43
N PHE A 494 15.07 1.14 10.40
CA PHE A 494 15.51 -0.20 10.02
C PHE A 494 16.21 -0.86 11.22
N GLU A 495 17.10 -0.10 11.85
CA GLU A 495 17.87 -0.59 12.98
C GLU A 495 16.94 -0.96 14.13
N ILE A 496 15.93 -0.12 14.36
CA ILE A 496 14.97 -0.38 15.41
C ILE A 496 14.12 -1.60 15.10
N PHE A 497 13.69 -1.74 13.85
CA PHE A 497 12.86 -2.88 13.45
C PHE A 497 13.56 -4.24 13.47
N THR A 498 14.75 -4.29 12.88
CA THR A 498 15.51 -5.54 12.75
C THR A 498 16.56 -5.84 13.81
N GLY A 499 17.04 -4.81 14.50
CA GLY A 499 18.07 -5.02 15.49
C GLY A 499 19.42 -5.13 14.80
N LEU A 500 19.46 -4.81 13.51
CA LEU A 500 20.69 -4.86 12.73
C LEU A 500 21.22 -3.45 12.50
N PRO A 501 22.56 -3.30 12.47
CA PRO A 501 23.16 -1.97 12.26
C PRO A 501 22.57 -1.28 11.03
N ALA A 502 22.23 -0.01 11.18
CA ALA A 502 21.68 0.75 10.07
C ALA A 502 22.64 0.73 8.88
N PRO A 503 22.19 0.20 7.73
CA PRO A 503 23.04 0.14 6.54
C PRO A 503 22.82 1.45 5.80
N LYS A 504 23.47 2.50 6.30
CA LYS A 504 23.31 3.83 5.74
C LYS A 504 23.58 3.98 4.26
N GLU A 505 24.76 3.56 3.83
CA GLU A 505 25.13 3.66 2.42
C GLU A 505 24.12 2.94 1.54
N LEU A 506 23.60 1.82 2.04
CA LEU A 506 22.62 1.05 1.29
C LEU A 506 21.32 1.83 1.09
N TYR A 507 20.82 2.46 2.16
CA TYR A 507 19.58 3.22 2.03
C TYR A 507 19.73 4.38 1.04
N TRP A 508 20.87 5.04 1.03
CA TRP A 508 21.07 6.13 0.07
C TRP A 508 21.03 5.57 -1.36
N GLN A 509 21.64 4.41 -1.57
CA GLN A 509 21.66 3.79 -2.89
C GLN A 509 20.26 3.37 -3.32
N ILE A 510 19.54 2.71 -2.42
CA ILE A 510 18.17 2.28 -2.71
C ILE A 510 17.28 3.46 -3.11
N MET A 511 17.37 4.56 -2.36
CA MET A 511 16.53 5.73 -2.65
C MET A 511 16.86 6.33 -4.01
N SER A 512 18.13 6.41 -4.34
CA SER A 512 18.58 6.95 -5.62
C SER A 512 18.11 6.09 -6.79
N LYS A 513 18.29 4.78 -6.67
CA LYS A 513 17.93 3.85 -7.74
C LYS A 513 16.46 3.47 -7.87
N TYR A 514 15.80 3.26 -6.73
CA TYR A 514 14.40 2.83 -6.74
C TYR A 514 13.37 3.84 -6.25
N GLY A 515 13.80 4.91 -5.60
CA GLY A 515 12.83 5.87 -5.09
C GLY A 515 12.83 7.25 -5.69
N SER A 516 13.24 7.37 -6.95
CA SER A 516 13.33 8.66 -7.62
C SER A 516 12.13 9.12 -8.46
N ARG A 517 11.24 8.22 -8.85
CA ARG A 517 10.09 8.60 -9.66
C ARG A 517 9.05 9.44 -8.92
N GLU A 518 8.44 10.40 -9.61
CA GLU A 518 7.44 11.27 -9.01
C GLU A 518 6.02 10.90 -9.40
N ASN A 519 5.06 11.50 -8.71
CA ASN A 519 3.63 11.29 -8.94
C ASN A 519 3.18 9.85 -8.79
N LEU A 520 3.78 9.14 -7.85
CA LEU A 520 3.43 7.75 -7.61
C LEU A 520 2.45 7.62 -6.46
N TYR A 521 1.40 6.87 -6.68
CA TYR A 521 0.39 6.62 -5.66
C TYR A 521 0.18 5.10 -5.62
N PHE A 522 0.33 4.51 -4.43
CA PHE A 522 0.14 3.08 -4.26
C PHE A 522 -1.21 2.89 -3.57
N GLN A 523 -2.20 2.48 -4.35
CA GLN A 523 -3.55 2.31 -3.80
C GLN A 523 -4.43 1.45 -4.70
#